data_9MD8
#
_entry.id   9MD8
#
_cell.length_a   103.725
_cell.length_b   103.725
_cell.length_c   127.189
_cell.angle_alpha   90.00
_cell.angle_beta   90.00
_cell.angle_gamma   120.00
#
_symmetry.space_group_name_H-M   'P 31 2 1'
#
loop_
_entity.id
_entity.type
_entity.pdbx_description
1 polymer Protease
2 non-polymer N-carboxy-L-phenylalanyl-N-{(2S,3R)-3-hydroxy-4-methoxy-4-oxo-1-[(3R)-2-oxo-3,4-dihydro-2H-pyrrol-3-yl]butan-2-yl}-L-lysinamide
3 non-polymer GLYCEROL
4 water water
#
_entity_poly.entity_id   1
_entity_poly.type   'polypeptide(L)'
_entity_poly.pdbx_seq_one_letter_code
;GPLGSPEFEPKLGQPVEWTPCRSSNPQVKIPGGALCGKLAVPVDYDRPDGDVAALALIRFPATGDKIGSLVINPGGPGES
GIEAALGVFQTLPKRVHERFDLVGFDPRGVASSRPAIWCNSDADNDRLRAEPQVDYSREGVAHIENETKQFVGRCVDKMG
KNFLAHVGTVNVAKDLDAIRAALGDDKLTYLGYSYGTRIGSAYAEEFPQRVRAMILDGAVDPNADPIEAELRQAKGFQDA
FNNYAADCAKNAGCPLGADPAKAVEVYHSLVDPLVDPDNPRISRPARTKDPRGLSYSDAIVGTIMALYSPNLWQHLTDGL
SELVDNRGDTLLALADMYMRRDSHGRYNNSGDARVAINCVDQPPVTDRDKVIDEDRRAREIAPFMSYGKFTGDAPLGTCA
FWPVPPTSQPHAVSAPGLVPTVVVSTTHDPATPYKAGVDLANQLRGSLLTFDGTQHTVVFQGDSCIDEYVTAYLIGGTTP
PSGAKC
;
_entity_poly.pdbx_strand_id   A
#
loop_
_chem_comp.id
_chem_comp.type
_chem_comp.name
_chem_comp.formula
A1BK3 non-polymer N-carboxy-L-phenylalanyl-N-{(2S,3R)-3-hydroxy-4-methoxy-4-oxo-1-[(3R)-2-oxo-3,4-dihydro-2H-pyrrol-3-yl]butan-2-yl}-L-lysinamide 'C25 H35 N5 O8'
GOL non-polymer GLYCEROL 'C3 H8 O3'
#
# COMPACT_ATOMS: atom_id res chain seq x y z
N GLU A 9 -22.06 -20.50 -2.03
CA GLU A 9 -20.99 -19.97 -2.88
C GLU A 9 -21.52 -19.44 -4.21
N PRO A 10 -20.93 -18.36 -4.73
CA PRO A 10 -21.31 -17.89 -6.06
C PRO A 10 -20.72 -18.77 -7.16
N LYS A 11 -21.50 -18.96 -8.22
CA LYS A 11 -21.07 -19.75 -9.36
C LYS A 11 -20.62 -18.85 -10.50
N LEU A 12 -19.78 -19.40 -11.38
CA LEU A 12 -19.29 -18.65 -12.52
C LEU A 12 -20.45 -18.23 -13.41
N GLY A 13 -20.45 -16.96 -13.82
CA GLY A 13 -21.49 -16.42 -14.66
C GLY A 13 -22.79 -16.09 -13.95
N GLN A 14 -22.89 -16.33 -12.65
CA GLN A 14 -24.16 -16.00 -12.01
C GLN A 14 -24.15 -14.55 -11.54
N PRO A 15 -25.31 -13.88 -11.59
CA PRO A 15 -25.39 -12.50 -11.09
C PRO A 15 -25.08 -12.42 -9.61
N VAL A 16 -24.64 -11.24 -9.18
CA VAL A 16 -24.29 -11.03 -7.78
C VAL A 16 -25.57 -10.97 -6.95
N GLU A 17 -25.59 -11.72 -5.86
CA GLU A 17 -26.71 -11.70 -4.91
C GLU A 17 -26.40 -10.67 -3.84
N TRP A 18 -27.05 -9.52 -3.93
CA TRP A 18 -26.82 -8.45 -2.96
C TRP A 18 -27.66 -8.67 -1.71
N THR A 19 -27.12 -8.21 -0.58
CA THR A 19 -27.80 -8.34 0.70
C THR A 19 -27.30 -7.25 1.62
N PRO A 20 -28.09 -6.83 2.61
CA PRO A 20 -27.57 -5.89 3.62
C PRO A 20 -26.34 -6.48 4.30
N CYS A 21 -25.37 -5.62 4.58
CA CYS A 21 -24.06 -6.08 5.03
C CYS A 21 -24.09 -6.49 6.50
N ARG A 22 -22.97 -7.06 6.95
CA ARG A 22 -22.88 -7.78 8.22
C ARG A 22 -22.74 -6.85 9.42
N SER A 23 -22.14 -7.37 10.49
CA SER A 23 -21.93 -6.62 11.73
C SER A 23 -21.08 -5.38 11.49
N LYS A 29 -22.97 -0.47 13.38
CA LYS A 29 -23.88 -0.16 12.27
C LYS A 29 -23.11 0.13 10.98
N ILE A 30 -23.71 -0.26 9.86
CA ILE A 30 -23.11 -0.06 8.53
C ILE A 30 -23.98 0.96 7.79
N PRO A 31 -23.40 2.04 7.27
CA PRO A 31 -24.22 3.18 6.83
C PRO A 31 -24.64 3.08 5.36
N GLY A 32 -25.55 3.97 5.00
CA GLY A 32 -25.91 4.18 3.61
C GLY A 32 -26.61 3.03 2.92
N GLY A 33 -27.35 2.22 3.68
CA GLY A 33 -28.02 1.07 3.07
C GLY A 33 -27.10 0.18 2.28
N ALA A 34 -25.91 -0.11 2.83
CA ALA A 34 -24.88 -0.82 2.10
C ALA A 34 -25.33 -2.24 1.76
N LEU A 35 -25.00 -2.68 0.55
CA LEU A 35 -25.29 -4.02 0.08
C LEU A 35 -23.99 -4.78 -0.12
N CYS A 36 -24.00 -6.06 0.24
CA CYS A 36 -22.82 -6.91 0.15
C CYS A 36 -23.12 -8.11 -0.73
N GLY A 37 -22.09 -8.62 -1.39
CA GLY A 37 -22.25 -9.77 -2.26
C GLY A 37 -20.92 -10.27 -2.76
N LYS A 38 -20.96 -11.44 -3.38
CA LYS A 38 -19.76 -12.09 -3.91
C LYS A 38 -19.90 -12.36 -5.39
N LEU A 39 -18.78 -12.25 -6.10
CA LEU A 39 -18.71 -12.56 -7.52
C LEU A 39 -17.66 -13.64 -7.72
N ALA A 40 -18.01 -14.67 -8.49
CA ALA A 40 -17.10 -15.77 -8.76
C ALA A 40 -16.25 -15.45 -9.97
N VAL A 41 -14.94 -15.67 -9.84
CA VAL A 41 -14.00 -15.52 -10.96
C VAL A 41 -13.15 -16.77 -11.04
N PRO A 42 -12.67 -17.17 -12.21
CA PRO A 42 -11.80 -18.35 -12.29
C PRO A 42 -10.41 -18.03 -11.74
N VAL A 43 -9.84 -19.00 -11.03
CA VAL A 43 -8.48 -18.84 -10.52
C VAL A 43 -7.51 -18.68 -11.68
N ASP A 44 -7.61 -19.58 -12.67
CA ASP A 44 -6.78 -19.55 -13.87
C ASP A 44 -7.70 -19.24 -15.04
N TYR A 45 -7.51 -18.06 -15.65
CA TYR A 45 -8.36 -17.67 -16.77
C TYR A 45 -8.12 -18.53 -18.01
N ASP A 46 -7.00 -19.25 -18.07
CA ASP A 46 -6.80 -20.22 -19.14
C ASP A 46 -7.55 -21.52 -18.88
N ARG A 47 -7.97 -21.77 -17.64
CA ARG A 47 -8.78 -22.92 -17.28
C ARG A 47 -10.00 -22.46 -16.48
N PRO A 48 -10.98 -21.82 -17.14
CA PRO A 48 -12.20 -21.43 -16.42
C PRO A 48 -13.00 -22.61 -15.91
N ASP A 49 -12.67 -23.83 -16.38
CA ASP A 49 -13.32 -25.03 -15.87
C ASP A 49 -12.83 -25.37 -14.46
N GLY A 50 -11.62 -24.93 -14.11
CA GLY A 50 -10.98 -25.35 -12.87
C GLY A 50 -11.45 -24.63 -11.63
N ASP A 51 -10.49 -24.30 -10.76
CA ASP A 51 -10.80 -23.73 -9.46
C ASP A 51 -11.37 -22.32 -9.62
N VAL A 52 -12.15 -21.91 -8.60
CA VAL A 52 -12.91 -20.67 -8.64
C VAL A 52 -12.60 -19.88 -7.36
N ALA A 53 -12.42 -18.57 -7.52
CA ALA A 53 -12.28 -17.66 -6.40
C ALA A 53 -13.55 -16.84 -6.24
N ALA A 54 -13.83 -16.44 -5.00
CA ALA A 54 -14.99 -15.62 -4.67
C ALA A 54 -14.51 -14.26 -4.20
N LEU A 55 -14.93 -13.21 -4.91
CA LEU A 55 -14.51 -11.84 -4.61
C LEU A 55 -15.62 -11.15 -3.81
N ALA A 56 -15.27 -10.65 -2.63
CA ALA A 56 -16.24 -9.95 -1.80
C ALA A 56 -16.42 -8.52 -2.29
N LEU A 57 -17.67 -8.09 -2.38
CA LEU A 57 -18.00 -6.74 -2.85
C LEU A 57 -18.90 -6.04 -1.85
N ILE A 58 -18.74 -4.73 -1.76
CA ILE A 58 -19.64 -3.87 -1.00
C ILE A 58 -20.16 -2.80 -1.95
N ARG A 59 -21.37 -2.33 -1.70
CA ARG A 59 -22.05 -1.41 -2.61
C ARG A 59 -22.89 -0.43 -1.82
N PHE A 60 -22.64 0.86 -2.03
CA PHE A 60 -23.43 1.94 -1.44
C PHE A 60 -24.28 2.58 -2.52
N PRO A 61 -25.58 2.31 -2.58
CA PRO A 61 -26.41 2.81 -3.69
C PRO A 61 -26.41 4.33 -3.76
N ALA A 62 -26.43 4.84 -4.98
CA ALA A 62 -26.48 6.29 -5.21
C ALA A 62 -27.79 6.86 -4.70
N THR A 63 -27.74 8.13 -4.29
CA THR A 63 -28.92 8.81 -3.76
C THR A 63 -29.67 9.63 -4.80
N GLY A 64 -29.06 9.91 -5.95
CA GLY A 64 -29.72 10.68 -6.98
C GLY A 64 -29.83 9.95 -8.30
N ASP A 65 -29.59 10.66 -9.41
CA ASP A 65 -29.63 10.05 -10.73
C ASP A 65 -28.32 9.29 -10.96
N LYS A 66 -28.40 7.97 -11.02
CA LYS A 66 -27.22 7.12 -11.05
C LYS A 66 -26.59 7.12 -12.45
N ILE A 67 -25.33 7.54 -12.52
CA ILE A 67 -24.55 7.36 -13.74
C ILE A 67 -24.05 5.92 -13.83
N GLY A 68 -23.51 5.41 -12.73
CA GLY A 68 -23.00 4.06 -12.70
C GLY A 68 -22.41 3.75 -11.35
N SER A 69 -21.38 2.90 -11.34
CA SER A 69 -20.67 2.54 -10.13
C SER A 69 -19.28 3.16 -10.15
N LEU A 70 -18.87 3.70 -9.00
CA LEU A 70 -17.51 4.18 -8.79
C LEU A 70 -16.78 3.10 -8.00
N VAL A 71 -15.95 2.33 -8.70
CA VAL A 71 -15.19 1.25 -8.08
C VAL A 71 -13.86 1.82 -7.59
N ILE A 72 -13.51 1.50 -6.35
CA ILE A 72 -12.28 2.01 -5.75
C ILE A 72 -11.41 0.86 -5.31
N ASN A 73 -10.12 1.16 -5.11
CA ASN A 73 -9.17 0.22 -4.56
C ASN A 73 -8.17 1.00 -3.73
N PRO A 74 -7.89 0.59 -2.50
CA PRO A 74 -6.96 1.34 -1.64
C PRO A 74 -5.50 1.03 -1.88
N GLY A 75 -5.17 -0.05 -2.58
CA GLY A 75 -3.78 -0.37 -2.87
C GLY A 75 -3.15 -1.35 -1.91
N GLY A 76 -1.90 -1.10 -1.55
CA GLY A 76 -1.16 -1.99 -0.70
C GLY A 76 0.07 -2.55 -1.40
N PRO A 77 -0.10 -3.68 -2.11
CA PRO A 77 -1.33 -4.48 -2.28
C PRO A 77 -1.72 -5.21 -1.00
N GLY A 78 -2.88 -5.87 -0.99
CA GLY A 78 -3.36 -6.59 0.17
C GLY A 78 -4.32 -5.83 1.05
N GLU A 79 -4.62 -4.57 0.73
CA GLU A 79 -5.56 -3.79 1.54
C GLU A 79 -6.98 -4.08 1.10
N SER A 80 -7.89 -4.14 2.09
CA SER A 80 -9.27 -4.45 1.81
C SER A 80 -9.96 -3.27 1.12
N GLY A 81 -10.59 -3.55 -0.03
CA GLY A 81 -11.38 -2.53 -0.70
C GLY A 81 -12.74 -2.32 -0.07
N ILE A 82 -13.31 -3.35 0.55
CA ILE A 82 -14.54 -3.18 1.30
C ILE A 82 -14.31 -2.24 2.48
N GLU A 83 -13.23 -2.48 3.23
CA GLU A 83 -12.86 -1.59 4.31
C GLU A 83 -12.66 -0.17 3.82
N ALA A 84 -11.98 -0.02 2.68
CA ALA A 84 -11.69 1.32 2.15
C ALA A 84 -12.96 2.03 1.71
N ALA A 85 -13.89 1.33 1.07
CA ALA A 85 -15.13 1.96 0.65
C ALA A 85 -15.94 2.43 1.86
N LEU A 86 -15.88 1.70 2.97
CA LEU A 86 -16.55 2.16 4.18
C LEU A 86 -15.94 3.45 4.71
N GLY A 87 -14.63 3.62 4.55
CA GLY A 87 -13.99 4.87 4.95
C GLY A 87 -14.25 6.00 3.99
N VAL A 88 -14.16 5.71 2.69
CA VAL A 88 -14.40 6.74 1.68
C VAL A 88 -15.85 7.21 1.71
N PHE A 89 -16.78 6.33 2.09
CA PHE A 89 -18.19 6.74 2.18
C PHE A 89 -18.39 7.89 3.13
N GLN A 90 -17.56 8.00 4.17
CA GLN A 90 -17.69 9.08 5.15
C GLN A 90 -17.20 10.42 4.59
N THR A 91 -16.23 10.41 3.68
CA THR A 91 -15.69 11.63 3.11
C THR A 91 -16.05 11.79 1.63
N LEU A 92 -17.07 11.08 1.16
CA LEU A 92 -17.47 11.15 -0.23
C LEU A 92 -18.22 12.46 -0.50
N PRO A 93 -17.85 13.21 -1.53
CA PRO A 93 -18.59 14.45 -1.84
C PRO A 93 -20.04 14.17 -2.17
N LYS A 94 -20.89 15.15 -1.88
CA LYS A 94 -22.33 14.97 -2.02
C LYS A 94 -22.71 14.64 -3.46
N ARG A 95 -22.11 15.35 -4.43
CA ARG A 95 -22.46 15.11 -5.82
C ARG A 95 -22.02 13.73 -6.29
N VAL A 96 -20.89 13.22 -5.78
CA VAL A 96 -20.46 11.88 -6.15
C VAL A 96 -21.40 10.83 -5.55
N HIS A 97 -21.78 11.01 -4.29
CA HIS A 97 -22.73 10.12 -3.64
C HIS A 97 -24.08 10.12 -4.34
N GLU A 98 -24.43 11.21 -5.03
CA GLU A 98 -25.71 11.28 -5.74
C GLU A 98 -25.67 10.47 -7.03
N ARG A 99 -24.59 10.58 -7.80
CA ARG A 99 -24.54 10.07 -9.17
C ARG A 99 -23.88 8.70 -9.29
N PHE A 100 -23.32 8.16 -8.21
CA PHE A 100 -22.57 6.91 -8.32
C PHE A 100 -22.88 6.00 -7.14
N ASP A 101 -22.95 4.70 -7.43
CA ASP A 101 -22.83 3.67 -6.41
C ASP A 101 -21.36 3.58 -6.00
N LEU A 102 -21.07 3.77 -4.72
CA LEU A 102 -19.73 3.52 -4.22
C LEU A 102 -19.52 2.02 -4.05
N VAL A 103 -18.55 1.47 -4.77
CA VAL A 103 -18.33 0.03 -4.79
C VAL A 103 -16.88 -0.24 -4.42
N GLY A 104 -16.69 -1.02 -3.37
CA GLY A 104 -15.38 -1.52 -3.00
C GLY A 104 -15.34 -3.03 -3.17
N PHE A 105 -14.16 -3.56 -3.42
CA PHE A 105 -14.01 -5.00 -3.60
C PHE A 105 -12.68 -5.46 -3.01
N ASP A 106 -12.68 -6.68 -2.49
CA ASP A 106 -11.44 -7.30 -2.03
C ASP A 106 -10.84 -8.07 -3.20
N PRO A 107 -9.64 -7.71 -3.67
CA PRO A 107 -9.01 -8.47 -4.75
C PRO A 107 -8.83 -9.94 -4.38
N ARG A 108 -8.56 -10.74 -5.40
CA ARG A 108 -8.38 -12.18 -5.20
C ARG A 108 -7.30 -12.44 -4.16
N GLY A 109 -7.64 -13.24 -3.16
CA GLY A 109 -6.72 -13.57 -2.09
C GLY A 109 -6.59 -12.54 -0.99
N VAL A 110 -7.42 -11.49 -1.01
CA VAL A 110 -7.29 -10.37 -0.08
C VAL A 110 -8.54 -10.31 0.80
N ALA A 111 -8.32 -10.21 2.12
CA ALA A 111 -9.34 -9.87 3.10
C ALA A 111 -10.48 -10.88 3.02
N SER A 112 -11.72 -10.46 2.71
CA SER A 112 -12.86 -11.36 2.75
C SER A 112 -12.98 -12.23 1.51
N SER A 113 -12.16 -12.01 0.48
CA SER A 113 -12.19 -12.86 -0.69
C SER A 113 -11.64 -14.25 -0.35
N ARG A 114 -12.18 -15.27 -1.00
CA ARG A 114 -11.84 -16.64 -0.70
C ARG A 114 -11.32 -17.34 -1.94
N PRO A 115 -10.21 -18.07 -1.85
CA PRO A 115 -9.37 -18.27 -0.66
C PRO A 115 -8.48 -17.05 -0.40
N ALA A 116 -8.24 -16.73 0.87
CA ALA A 116 -7.43 -15.59 1.25
C ALA A 116 -6.00 -16.03 1.51
N ILE A 117 -5.05 -15.22 1.05
CA ILE A 117 -3.63 -15.56 1.20
C ILE A 117 -3.24 -15.55 2.67
N TRP A 118 -2.72 -16.67 3.14
CA TRP A 118 -2.22 -16.79 4.50
C TRP A 118 -0.87 -17.48 4.47
N CYS A 119 0.14 -16.86 5.07
CA CYS A 119 1.45 -17.46 5.23
C CYS A 119 1.86 -17.54 6.69
N ASN A 120 1.81 -16.43 7.41
CA ASN A 120 2.26 -16.35 8.78
C ASN A 120 1.08 -16.43 9.73
N SER A 121 1.24 -17.19 10.81
CA SER A 121 0.32 -17.07 11.92
C SER A 121 0.54 -15.74 12.63
N ASP A 122 -0.35 -15.44 13.59
CA ASP A 122 -0.17 -14.24 14.39
C ASP A 122 1.16 -14.27 15.15
N ALA A 123 1.57 -15.46 15.61
CA ALA A 123 2.82 -15.57 16.35
C ALA A 123 4.03 -15.39 15.44
N ASP A 124 3.96 -15.91 14.22
CA ASP A 124 5.05 -15.72 13.27
C ASP A 124 5.31 -14.23 13.03
N ASN A 125 4.25 -13.43 12.90
CA ASN A 125 4.44 -12.00 12.70
C ASN A 125 4.99 -11.34 13.96
N ASP A 126 4.45 -11.70 15.13
CA ASP A 126 4.95 -11.15 16.37
C ASP A 126 6.42 -11.48 16.59
N ARG A 127 6.83 -12.71 16.28
CA ARG A 127 8.21 -13.13 16.49
C ARG A 127 9.17 -12.33 15.62
N LEU A 128 8.78 -12.07 14.37
CA LEU A 128 9.62 -11.28 13.48
C LEU A 128 9.73 -9.84 13.98
N ARG A 129 8.61 -9.24 14.37
CA ARG A 129 8.62 -7.85 14.81
C ARG A 129 9.40 -7.64 16.10
N ALA A 130 9.54 -8.68 16.93
CA ALA A 130 10.33 -8.56 18.14
C ALA A 130 11.82 -8.48 17.86
N GLU A 131 12.26 -8.85 16.66
CA GLU A 131 13.67 -8.85 16.32
C GLU A 131 14.10 -7.45 15.89
N PRO A 132 15.33 -7.03 16.24
CA PRO A 132 15.81 -5.72 15.76
C PRO A 132 15.90 -5.63 14.25
N GLN A 133 16.32 -6.72 13.58
CA GLN A 133 16.47 -6.75 12.13
C GLN A 133 17.48 -5.70 11.64
N VAL A 134 18.58 -5.54 12.37
CA VAL A 134 19.65 -4.63 11.97
C VAL A 134 20.95 -5.35 11.66
N ASP A 135 21.15 -6.58 12.11
CA ASP A 135 22.40 -7.31 11.91
C ASP A 135 22.52 -7.72 10.45
N TYR A 136 23.37 -7.02 9.70
CA TYR A 136 23.63 -7.34 8.29
C TYR A 136 25.02 -7.96 8.11
N SER A 137 25.56 -8.57 9.17
CA SER A 137 26.72 -9.43 8.99
C SER A 137 26.33 -10.67 8.21
N ARG A 138 27.33 -11.49 7.86
CA ARG A 138 27.05 -12.74 7.16
C ARG A 138 26.08 -13.61 7.95
N GLU A 139 26.30 -13.72 9.26
CA GLU A 139 25.37 -14.50 10.09
C GLU A 139 24.00 -13.86 10.13
N GLY A 140 23.94 -12.54 10.23
CA GLY A 140 22.65 -11.86 10.26
C GLY A 140 21.89 -12.00 8.96
N VAL A 141 22.60 -11.91 7.83
CA VAL A 141 21.94 -12.06 6.54
C VAL A 141 21.44 -13.49 6.35
N ALA A 142 22.24 -14.47 6.75
CA ALA A 142 21.80 -15.86 6.66
C ALA A 142 20.58 -16.12 7.53
N HIS A 143 20.53 -15.52 8.72
CA HIS A 143 19.37 -15.69 9.59
C HIS A 143 18.12 -15.10 8.94
N ILE A 144 18.24 -13.91 8.35
CA ILE A 144 17.08 -13.28 7.72
C ILE A 144 16.60 -14.11 6.53
N GLU A 145 17.54 -14.61 5.73
CA GLU A 145 17.15 -15.38 4.55
C GLU A 145 16.61 -16.75 4.93
N ASN A 146 17.05 -17.31 6.05
CA ASN A 146 16.47 -18.56 6.52
C ASN A 146 15.03 -18.37 6.98
N GLU A 147 14.74 -17.26 7.65
CA GLU A 147 13.35 -16.94 8.00
C GLU A 147 12.52 -16.71 6.76
N THR A 148 13.10 -16.05 5.75
CA THR A 148 12.40 -15.82 4.49
C THR A 148 12.05 -17.13 3.79
N LYS A 149 13.01 -18.06 3.74
CA LYS A 149 12.73 -19.35 3.10
C LYS A 149 11.64 -20.10 3.83
N GLN A 150 11.60 -19.99 5.17
CA GLN A 150 10.54 -20.64 5.92
C GLN A 150 9.20 -19.93 5.74
N PHE A 151 9.23 -18.61 5.54
CA PHE A 151 8.00 -17.89 5.21
C PHE A 151 7.43 -18.37 3.88
N VAL A 152 8.28 -18.47 2.85
CA VAL A 152 7.83 -18.93 1.54
C VAL A 152 7.28 -20.35 1.64
N GLY A 153 7.93 -21.20 2.43
CA GLY A 153 7.42 -22.54 2.62
C GLY A 153 6.04 -22.56 3.24
N ARG A 154 5.78 -21.65 4.19
CA ARG A 154 4.46 -21.58 4.81
C ARG A 154 3.41 -21.08 3.83
N CYS A 155 3.80 -20.18 2.91
CA CYS A 155 2.87 -19.75 1.86
C CYS A 155 2.48 -20.93 0.98
N VAL A 156 3.45 -21.74 0.57
CA VAL A 156 3.17 -22.87 -0.32
C VAL A 156 2.33 -23.91 0.41
N ASP A 157 2.64 -24.19 1.67
CA ASP A 157 1.92 -25.22 2.41
C ASP A 157 0.45 -24.86 2.59
N LYS A 158 0.16 -23.59 2.83
CA LYS A 158 -1.20 -23.14 3.12
C LYS A 158 -1.98 -22.76 1.87
N MET A 159 -1.31 -22.22 0.85
CA MET A 159 -1.97 -21.77 -0.36
C MET A 159 -1.85 -22.74 -1.52
N GLY A 160 -0.71 -23.39 -1.69
CA GLY A 160 -0.51 -24.14 -2.92
C GLY A 160 0.04 -23.26 -4.02
N LYS A 161 0.81 -23.87 -4.92
CA LYS A 161 1.48 -23.11 -5.97
C LYS A 161 0.49 -22.56 -6.99
N ASN A 162 -0.62 -23.27 -7.24
CA ASN A 162 -1.54 -22.84 -8.29
C ASN A 162 -2.16 -21.49 -7.98
N PHE A 163 -2.71 -21.32 -6.76
CA PHE A 163 -3.35 -20.05 -6.42
C PHE A 163 -2.32 -18.93 -6.31
N LEU A 164 -1.15 -19.23 -5.75
CA LEU A 164 -0.10 -18.20 -5.66
C LEU A 164 0.33 -17.73 -7.04
N ALA A 165 0.29 -18.61 -8.04
CA ALA A 165 0.75 -18.25 -9.37
C ALA A 165 -0.16 -17.24 -10.04
N HIS A 166 -1.46 -17.26 -9.72
CA HIS A 166 -2.45 -16.47 -10.43
C HIS A 166 -3.00 -15.32 -9.60
N VAL A 167 -2.26 -14.86 -8.59
CA VAL A 167 -2.74 -13.79 -7.73
C VAL A 167 -2.29 -12.41 -8.18
N GLY A 168 -1.51 -12.32 -9.26
CA GLY A 168 -0.95 -11.05 -9.68
C GLY A 168 -1.97 -10.08 -10.22
N THR A 169 -1.49 -8.85 -10.47
CA THR A 169 -2.34 -7.78 -10.96
C THR A 169 -2.88 -8.07 -12.35
N VAL A 170 -2.19 -8.90 -13.13
CA VAL A 170 -2.67 -9.21 -14.47
C VAL A 170 -4.01 -9.94 -14.41
N ASN A 171 -4.26 -10.68 -13.33
CA ASN A 171 -5.54 -11.35 -13.16
C ASN A 171 -6.54 -10.49 -12.40
N VAL A 172 -6.08 -9.56 -11.57
CA VAL A 172 -6.98 -8.64 -10.90
C VAL A 172 -7.66 -7.74 -11.92
N ALA A 173 -6.91 -7.31 -12.94
CA ALA A 173 -7.50 -6.48 -14.00
C ALA A 173 -8.60 -7.23 -14.74
N LYS A 174 -8.42 -8.54 -14.97
CA LYS A 174 -9.48 -9.33 -15.59
C LYS A 174 -10.66 -9.48 -14.65
N ASP A 175 -10.39 -9.65 -13.35
CA ASP A 175 -11.47 -9.67 -12.37
C ASP A 175 -12.22 -8.34 -12.36
N LEU A 176 -11.49 -7.23 -12.53
CA LEU A 176 -12.13 -5.91 -12.48
C LEU A 176 -13.12 -5.73 -13.62
N ASP A 177 -12.84 -6.31 -14.79
CA ASP A 177 -13.79 -6.22 -15.90
C ASP A 177 -15.01 -7.08 -15.63
N ALA A 178 -14.82 -8.27 -15.05
CA ALA A 178 -15.95 -9.08 -14.63
C ALA A 178 -16.78 -8.37 -13.56
N ILE A 179 -16.12 -7.61 -12.70
CA ILE A 179 -16.85 -6.82 -11.71
C ILE A 179 -17.66 -5.72 -12.39
N ARG A 180 -17.06 -5.06 -13.39
CA ARG A 180 -17.77 -4.00 -14.10
C ARG A 180 -19.04 -4.53 -14.75
N ALA A 181 -18.95 -5.68 -15.42
CA ALA A 181 -20.13 -6.27 -16.05
C ALA A 181 -21.14 -6.74 -15.00
N ALA A 182 -20.65 -7.31 -13.90
CA ALA A 182 -21.54 -7.77 -12.84
C ALA A 182 -22.29 -6.61 -12.20
N LEU A 183 -21.67 -5.43 -12.15
CA LEU A 183 -22.31 -4.23 -11.62
C LEU A 183 -23.27 -3.59 -12.61
N GLY A 184 -23.33 -4.09 -13.85
CA GLY A 184 -24.26 -3.55 -14.83
C GLY A 184 -23.77 -2.34 -15.59
N ASP A 185 -22.49 -2.00 -15.49
CA ASP A 185 -21.94 -0.84 -16.19
C ASP A 185 -21.31 -1.27 -17.50
N ASP A 186 -21.63 -0.53 -18.58
CA ASP A 186 -20.98 -0.78 -19.86
C ASP A 186 -19.50 -0.43 -19.81
N LYS A 187 -19.14 0.61 -19.07
CA LYS A 187 -17.75 1.03 -18.91
C LYS A 187 -17.46 1.28 -17.45
N LEU A 188 -16.18 1.21 -17.10
CA LEU A 188 -15.74 1.28 -15.71
C LEU A 188 -15.41 2.71 -15.31
N THR A 189 -15.91 3.13 -14.15
CA THR A 189 -15.49 4.35 -13.47
C THR A 189 -14.70 3.94 -12.25
N TYR A 190 -13.40 4.28 -12.23
CA TYR A 190 -12.47 3.68 -11.29
C TYR A 190 -11.62 4.75 -10.60
N LEU A 191 -11.45 4.59 -9.29
CA LEU A 191 -10.56 5.43 -8.49
C LEU A 191 -9.60 4.50 -7.78
N GLY A 192 -8.32 4.62 -8.10
CA GLY A 192 -7.30 3.75 -7.55
C GLY A 192 -6.30 4.56 -6.75
N TYR A 193 -6.05 4.11 -5.53
CA TYR A 193 -5.04 4.67 -4.66
C TYR A 193 -3.83 3.74 -4.64
N SER A 194 -2.64 4.33 -4.74
CA SER A 194 -1.38 3.66 -4.41
C SER A 194 -1.18 2.47 -5.35
N TYR A 195 -1.11 1.24 -4.84
CA TYR A 195 -1.04 0.08 -5.71
C TYR A 195 -2.27 -0.04 -6.61
N GLY A 196 -3.39 0.55 -6.21
CA GLY A 196 -4.57 0.60 -7.07
C GLY A 196 -4.33 1.31 -8.38
N THR A 197 -3.28 2.13 -8.46
CA THR A 197 -2.93 2.74 -9.74
C THR A 197 -2.25 1.74 -10.68
N ARG A 198 -1.67 0.66 -10.13
CA ARG A 198 -1.18 -0.42 -10.99
C ARG A 198 -2.33 -1.26 -11.51
N ILE A 199 -3.34 -1.49 -10.68
CA ILE A 199 -4.58 -2.12 -11.15
C ILE A 199 -5.20 -1.26 -12.25
N GLY A 200 -5.19 0.06 -12.06
CA GLY A 200 -5.78 0.94 -13.06
C GLY A 200 -5.08 0.84 -14.39
N SER A 201 -3.75 0.99 -14.39
CA SER A 201 -3.00 0.96 -15.64
C SER A 201 -3.05 -0.41 -16.30
N ALA A 202 -3.03 -1.47 -15.49
CA ALA A 202 -3.18 -2.81 -16.04
C ALA A 202 -4.56 -3.01 -16.66
N TYR A 203 -5.60 -2.47 -16.04
CA TYR A 203 -6.93 -2.54 -16.63
C TYR A 203 -7.02 -1.67 -17.87
N ALA A 204 -6.38 -0.49 -17.85
CA ALA A 204 -6.42 0.39 -19.01
C ALA A 204 -5.75 -0.24 -20.22
N GLU A 205 -4.74 -1.09 -20.00
CA GLU A 205 -4.05 -1.74 -21.11
C GLU A 205 -4.87 -2.90 -21.68
N GLU A 206 -5.53 -3.65 -20.81
CA GLU A 206 -6.24 -4.84 -21.28
C GLU A 206 -7.65 -4.51 -21.76
N PHE A 207 -8.32 -3.56 -21.11
CA PHE A 207 -9.68 -3.15 -21.49
C PHE A 207 -9.77 -1.65 -21.66
N PRO A 208 -9.02 -1.06 -22.60
CA PRO A 208 -9.12 0.39 -22.81
C PRO A 208 -10.49 0.81 -23.30
N GLN A 209 -11.16 -0.01 -24.10
CA GLN A 209 -12.49 0.32 -24.60
C GLN A 209 -13.57 0.24 -23.52
N ARG A 210 -13.23 -0.21 -22.31
CA ARG A 210 -14.19 -0.35 -21.23
C ARG A 210 -13.99 0.67 -20.12
N VAL A 211 -13.12 1.66 -20.32
CA VAL A 211 -12.84 2.66 -19.30
C VAL A 211 -13.65 3.91 -19.60
N ARG A 212 -14.57 4.25 -18.69
CA ARG A 212 -15.29 5.51 -18.80
C ARG A 212 -14.50 6.66 -18.18
N ALA A 213 -13.99 6.46 -16.97
CA ALA A 213 -13.22 7.46 -16.26
C ALA A 213 -12.30 6.75 -15.29
N MET A 214 -11.13 7.34 -15.04
CA MET A 214 -10.17 6.72 -14.15
C MET A 214 -9.32 7.78 -13.46
N ILE A 215 -9.28 7.72 -12.13
CA ILE A 215 -8.47 8.61 -11.31
C ILE A 215 -7.47 7.75 -10.54
N LEU A 216 -6.19 8.11 -10.66
CA LEU A 216 -5.10 7.37 -10.04
C LEU A 216 -4.35 8.31 -9.09
N ASP A 217 -4.49 8.05 -7.80
CA ASP A 217 -3.94 8.92 -6.76
C ASP A 217 -2.81 8.19 -6.05
N GLY A 218 -1.59 8.73 -6.17
CA GLY A 218 -0.42 8.09 -5.61
C GLY A 218 0.09 7.00 -6.53
N ALA A 219 0.87 7.38 -7.53
CA ALA A 219 1.07 6.53 -8.69
C ALA A 219 2.30 5.63 -8.55
N VAL A 220 2.18 4.39 -9.02
N VAL A 220 2.17 4.41 -9.05
CA VAL A 220 3.31 3.50 -9.20
CA VAL A 220 3.28 3.48 -9.20
C VAL A 220 3.59 3.40 -10.69
C VAL A 220 3.59 3.35 -10.69
N ASP A 221 4.87 3.43 -11.04
CA ASP A 221 5.28 3.42 -12.44
C ASP A 221 5.62 1.99 -12.85
N PRO A 222 4.84 1.35 -13.73
CA PRO A 222 5.16 -0.03 -14.12
C PRO A 222 6.44 -0.15 -14.93
N ASN A 223 6.93 0.96 -15.49
CA ASN A 223 8.17 0.97 -16.24
C ASN A 223 9.40 1.16 -15.36
N ALA A 224 9.22 1.34 -14.06
CA ALA A 224 10.34 1.63 -13.17
C ALA A 224 11.22 0.40 -12.94
N ASP A 225 12.51 0.66 -12.78
CA ASP A 225 13.40 -0.38 -12.29
C ASP A 225 13.15 -0.57 -10.79
N PRO A 226 13.03 -1.80 -10.31
CA PRO A 226 12.67 -2.00 -8.89
C PRO A 226 13.67 -1.41 -7.91
N ILE A 227 14.98 -1.50 -8.21
CA ILE A 227 15.98 -0.98 -7.28
C ILE A 227 15.87 0.53 -7.17
N GLU A 228 15.89 1.23 -8.31
CA GLU A 228 15.85 2.68 -8.29
C GLU A 228 14.53 3.20 -7.75
N ALA A 229 13.43 2.47 -7.98
CA ALA A 229 12.16 2.89 -7.40
C ALA A 229 12.18 2.78 -5.88
N GLU A 230 12.78 1.70 -5.36
CA GLU A 230 12.91 1.56 -3.91
C GLU A 230 13.78 2.66 -3.32
N LEU A 231 14.88 2.98 -3.98
CA LEU A 231 15.74 4.05 -3.50
C LEU A 231 15.06 5.41 -3.60
N ARG A 232 14.20 5.60 -4.61
CA ARG A 232 13.43 6.83 -4.68
C ARG A 232 12.39 6.89 -3.56
N GLN A 233 11.85 5.74 -3.14
CA GLN A 233 10.94 5.72 -2.01
C GLN A 233 11.67 5.98 -0.70
N ALA A 234 12.88 5.43 -0.56
CA ALA A 234 13.70 5.73 0.62
C ALA A 234 14.00 7.21 0.71
N LYS A 235 14.29 7.85 -0.43
CA LYS A 235 14.48 9.29 -0.44
C LYS A 235 13.19 10.02 -0.09
N GLY A 236 12.05 9.50 -0.53
CA GLY A 236 10.78 10.13 -0.22
C GLY A 236 10.49 10.11 1.27
N PHE A 237 10.78 9.00 1.94
CA PHE A 237 10.54 8.92 3.38
C PHE A 237 11.54 9.76 4.17
N GLN A 238 12.78 9.88 3.68
CA GLN A 238 13.73 10.77 4.33
C GLN A 238 13.32 12.23 4.14
N ASP A 239 12.80 12.59 2.95
CA ASP A 239 12.29 13.93 2.74
C ASP A 239 11.08 14.19 3.64
N ALA A 240 10.21 13.19 3.80
CA ALA A 240 9.07 13.35 4.69
C ALA A 240 9.51 13.45 6.14
N PHE A 241 10.53 12.67 6.51
CA PHE A 241 11.11 12.79 7.85
C PHE A 241 11.65 14.20 8.08
N ASN A 242 12.38 14.74 7.08
CA ASN A 242 12.93 16.09 7.22
C ASN A 242 11.82 17.12 7.34
N ASN A 243 10.74 16.95 6.59
CA ASN A 243 9.63 17.89 6.68
C ASN A 243 8.95 17.80 8.04
N TYR A 244 8.78 16.57 8.56
CA TYR A 244 8.22 16.40 9.89
C TYR A 244 9.12 17.01 10.96
N ALA A 245 10.43 16.74 10.86
CA ALA A 245 11.36 17.26 11.86
C ALA A 245 11.44 18.77 11.82
N ALA A 246 11.41 19.37 10.61
CA ALA A 246 11.42 20.83 10.52
C ALA A 246 10.16 21.43 11.12
N ASP A 247 9.01 20.77 10.92
CA ASP A 247 7.78 21.25 11.53
C ASP A 247 7.84 21.10 13.05
N CYS A 248 8.28 19.95 13.54
CA CYS A 248 8.39 19.73 14.98
C CYS A 248 9.34 20.73 15.63
N ALA A 249 10.43 21.09 14.92
CA ALA A 249 11.40 22.02 15.48
C ALA A 249 10.78 23.38 15.78
N LYS A 250 9.73 23.76 15.04
CA LYS A 250 9.02 25.01 15.32
C LYS A 250 8.15 24.93 16.56
N ASN A 251 7.93 23.72 17.10
CA ASN A 251 6.99 23.49 18.18
C ASN A 251 7.72 23.30 19.49
N ALA A 252 7.07 23.71 20.58
CA ALA A 252 7.68 23.64 21.90
C ALA A 252 7.87 22.18 22.33
N GLY A 253 9.03 21.90 22.92
CA GLY A 253 9.30 20.57 23.43
C GLY A 253 9.48 19.50 22.39
N CYS A 254 9.99 19.85 21.21
CA CYS A 254 10.21 18.86 20.16
C CYS A 254 11.20 17.79 20.63
N PRO A 255 10.82 16.50 20.60
CA PRO A 255 11.75 15.45 21.06
C PRO A 255 12.97 15.28 20.17
N LEU A 256 12.97 15.84 18.96
CA LEU A 256 14.12 15.80 18.08
C LEU A 256 14.96 17.07 18.15
N GLY A 257 14.64 17.99 19.08
CA GLY A 257 15.39 19.21 19.24
C GLY A 257 14.91 20.32 18.32
N ALA A 258 15.45 21.51 18.54
CA ALA A 258 15.09 22.68 17.75
C ALA A 258 15.97 22.88 16.53
N ASP A 259 16.94 22.01 16.30
CA ASP A 259 17.82 22.09 15.13
C ASP A 259 17.49 20.95 14.17
N PRO A 260 16.72 21.21 13.11
CA PRO A 260 16.37 20.11 12.19
C PRO A 260 17.57 19.48 11.51
N ALA A 261 18.71 20.18 11.44
CA ALA A 261 19.91 19.59 10.87
C ALA A 261 20.48 18.47 11.73
N LYS A 262 20.11 18.42 13.01
CA LYS A 262 20.54 17.35 13.91
C LYS A 262 19.42 16.38 14.24
N ALA A 263 18.28 16.47 13.56
CA ALA A 263 17.13 15.65 13.92
C ALA A 263 17.40 14.16 13.70
N VAL A 264 18.11 13.81 12.63
CA VAL A 264 18.42 12.41 12.39
C VAL A 264 19.31 11.86 13.50
N GLU A 265 20.29 12.65 13.92
CA GLU A 265 21.17 12.22 15.01
C GLU A 265 20.38 12.04 16.30
N VAL A 266 19.53 13.00 16.65
CA VAL A 266 18.72 12.88 17.86
C VAL A 266 17.74 11.71 17.73
N TYR A 267 17.17 11.52 16.55
CA TYR A 267 16.29 10.38 16.30
C TYR A 267 17.02 9.07 16.61
N HIS A 268 18.26 8.94 16.13
CA HIS A 268 19.02 7.72 16.37
C HIS A 268 19.45 7.59 17.82
N SER A 269 19.66 8.71 18.52
CA SER A 269 19.93 8.62 19.95
C SER A 269 18.73 8.08 20.72
N LEU A 270 17.54 8.10 20.12
CA LEU A 270 16.33 7.60 20.75
C LEU A 270 15.98 6.18 20.36
N VAL A 271 16.33 5.75 19.14
CA VAL A 271 15.91 4.43 18.67
C VAL A 271 17.06 3.42 18.75
N ASP A 272 18.29 3.89 18.56
CA ASP A 272 19.42 2.96 18.61
C ASP A 272 19.59 2.25 19.95
N PRO A 273 19.34 2.87 21.12
CA PRO A 273 19.42 2.11 22.37
C PRO A 273 18.45 0.93 22.46
N LEU A 274 17.46 0.85 21.56
CA LEU A 274 16.59 -0.32 21.52
C LEU A 274 17.30 -1.57 21.03
N VAL A 275 18.52 -1.43 20.51
CA VAL A 275 19.37 -2.55 20.11
C VAL A 275 20.55 -2.61 21.06
N ASP A 276 20.92 -3.81 21.47
CA ASP A 276 22.11 -3.99 22.28
C ASP A 276 23.34 -3.55 21.49
N PRO A 277 24.11 -2.59 21.99
CA PRO A 277 25.22 -2.05 21.18
C PRO A 277 26.36 -3.03 20.98
N ASP A 278 26.44 -4.11 21.76
CA ASP A 278 27.48 -5.11 21.61
C ASP A 278 27.02 -6.35 20.85
N ASN A 279 25.72 -6.53 20.69
CA ASN A 279 25.17 -7.68 19.97
C ASN A 279 23.92 -7.21 19.25
N PRO A 280 24.01 -6.98 17.93
CA PRO A 280 22.85 -6.42 17.20
C PRO A 280 21.67 -7.37 17.10
N ARG A 281 21.81 -8.64 17.52
CA ARG A 281 20.69 -9.57 17.53
C ARG A 281 19.83 -9.44 18.78
N ILE A 282 20.29 -8.72 19.80
CA ILE A 282 19.59 -8.61 21.07
C ILE A 282 18.73 -7.35 21.07
N SER A 283 17.44 -7.52 21.30
CA SER A 283 16.51 -6.41 21.43
C SER A 283 16.49 -5.91 22.87
N ARG A 284 16.47 -4.59 23.04
CA ARG A 284 16.31 -3.95 24.36
C ARG A 284 15.08 -3.05 24.26
N PRO A 285 13.89 -3.63 24.28
CA PRO A 285 12.69 -2.86 23.90
C PRO A 285 12.28 -1.85 24.96
N ALA A 286 11.73 -0.74 24.49
CA ALA A 286 11.22 0.28 25.39
C ALA A 286 9.96 -0.24 26.09
N ARG A 287 9.77 0.20 27.34
CA ARG A 287 8.66 -0.27 28.14
C ARG A 287 7.34 0.22 27.56
N THR A 288 6.35 -0.68 27.49
CA THR A 288 5.00 -0.33 27.08
C THR A 288 4.03 -1.02 28.02
N LYS A 289 2.78 -0.54 28.01
CA LYS A 289 1.72 -1.27 28.71
C LYS A 289 1.48 -2.61 28.03
N ASP A 290 1.59 -2.65 26.70
CA ASP A 290 1.55 -3.90 25.98
C ASP A 290 2.75 -4.77 26.40
N PRO A 291 2.58 -6.09 26.52
CA PRO A 291 3.69 -6.94 26.94
C PRO A 291 4.84 -7.02 25.94
N ARG A 292 4.63 -6.62 24.69
CA ARG A 292 5.68 -6.77 23.68
C ARG A 292 6.83 -5.80 23.93
N GLY A 293 6.54 -4.58 24.35
CA GLY A 293 7.53 -3.52 24.32
C GLY A 293 7.72 -3.02 22.89
N LEU A 294 8.64 -2.08 22.72
CA LEU A 294 8.91 -1.48 21.43
C LEU A 294 10.31 -1.87 20.97
N SER A 295 10.37 -2.77 19.97
CA SER A 295 11.63 -3.12 19.36
C SER A 295 12.11 -2.00 18.43
N TYR A 296 13.36 -2.13 17.98
CA TYR A 296 13.89 -1.16 17.02
C TYR A 296 13.12 -1.21 15.72
N SER A 297 12.83 -2.42 15.23
CA SER A 297 12.14 -2.57 13.95
C SER A 297 10.73 -1.98 14.02
N ASP A 298 10.04 -2.17 15.15
CA ASP A 298 8.72 -1.58 15.31
C ASP A 298 8.80 -0.07 15.44
N ALA A 299 9.87 0.45 16.08
CA ALA A 299 10.06 1.89 16.15
C ALA A 299 10.22 2.50 14.76
N ILE A 300 10.98 1.83 13.89
CA ILE A 300 11.15 2.33 12.53
C ILE A 300 9.85 2.20 11.74
N VAL A 301 9.16 1.06 11.90
CA VAL A 301 7.90 0.86 11.20
C VAL A 301 6.86 1.88 11.65
N GLY A 302 6.81 2.15 12.96
CA GLY A 302 5.90 3.17 13.46
C GLY A 302 6.21 4.55 12.91
N THR A 303 7.51 4.87 12.79
CA THR A 303 7.89 6.15 12.20
C THR A 303 7.45 6.23 10.74
N ILE A 304 7.67 5.15 9.98
CA ILE A 304 7.24 5.12 8.58
C ILE A 304 5.74 5.31 8.47
N MET A 305 4.97 4.66 9.35
CA MET A 305 3.51 4.81 9.31
C MET A 305 3.09 6.26 9.50
N ALA A 306 3.67 6.94 10.49
CA ALA A 306 3.29 8.33 10.75
C ALA A 306 3.66 9.25 9.59
N LEU A 307 4.68 8.89 8.82
CA LEU A 307 5.11 9.74 7.71
C LEU A 307 4.21 9.62 6.48
N TYR A 308 3.17 8.80 6.53
CA TYR A 308 2.20 8.74 5.44
C TYR A 308 1.24 9.92 5.43
N SER A 309 1.09 10.61 6.56
CA SER A 309 0.11 11.69 6.65
C SER A 309 0.50 12.66 7.76
N PRO A 310 0.39 13.96 7.56
CA PRO A 310 0.62 14.91 8.66
C PRO A 310 -0.39 14.75 9.79
N ASN A 311 -1.52 14.10 9.55
CA ASN A 311 -2.47 13.82 10.62
C ASN A 311 -1.89 12.90 11.68
N LEU A 312 -0.81 12.18 11.37
CA LEU A 312 -0.14 11.30 12.31
C LEU A 312 1.15 11.89 12.86
N TRP A 313 1.51 13.11 12.46
CA TRP A 313 2.76 13.71 12.93
C TRP A 313 2.72 13.94 14.44
N GLN A 314 1.56 14.32 14.97
CA GLN A 314 1.43 14.45 16.42
C GLN A 314 1.71 13.13 17.12
N HIS A 315 1.25 12.02 16.54
CA HIS A 315 1.50 10.71 17.12
C HIS A 315 2.98 10.36 17.08
N LEU A 316 3.68 10.72 15.99
CA LEU A 316 5.12 10.50 15.94
C LEU A 316 5.83 11.31 17.01
N THR A 317 5.38 12.56 17.22
CA THR A 317 5.95 13.39 18.28
C THR A 317 5.69 12.78 19.65
N ASP A 318 4.48 12.27 19.88
CA ASP A 318 4.19 11.57 21.12
C ASP A 318 5.06 10.34 21.28
N GLY A 319 5.22 9.57 20.20
CA GLY A 319 6.03 8.36 20.27
C GLY A 319 7.49 8.63 20.57
N LEU A 320 8.02 9.75 20.08
CA LEU A 320 9.42 10.08 20.33
C LEU A 320 9.62 10.67 21.71
N SER A 321 8.66 11.46 22.19
CA SER A 321 8.74 11.97 23.56
C SER A 321 8.70 10.83 24.56
N GLU A 322 7.89 9.81 24.28
CA GLU A 322 7.87 8.63 25.14
C GLU A 322 9.23 7.92 25.12
N LEU A 323 9.89 7.91 23.97
CA LEU A 323 11.19 7.24 23.87
C LEU A 323 12.25 7.94 24.71
N VAL A 324 12.11 9.26 24.92
CA VAL A 324 13.01 9.98 25.81
C VAL A 324 12.98 9.39 27.21
N ASP A 325 11.82 8.92 27.65
CA ASP A 325 11.66 8.24 28.94
C ASP A 325 11.71 6.72 28.80
N ASN A 326 12.20 6.21 27.67
CA ASN A 326 12.27 4.78 27.38
C ASN A 326 10.88 4.14 27.45
N ARG A 327 9.90 4.80 26.86
CA ARG A 327 8.57 4.23 26.66
C ARG A 327 8.27 4.21 25.17
N GLY A 328 7.48 3.24 24.75
CA GLY A 328 7.23 3.06 23.33
C GLY A 328 5.79 2.74 22.96
N ASP A 329 4.83 3.19 23.77
CA ASP A 329 3.44 2.81 23.55
C ASP A 329 2.90 3.35 22.23
N THR A 330 3.15 4.63 21.94
CA THR A 330 2.59 5.23 20.74
C THR A 330 3.25 4.70 19.48
N LEU A 331 4.58 4.56 19.49
CA LEU A 331 5.26 4.02 18.32
C LEU A 331 4.88 2.57 18.07
N LEU A 332 4.61 1.80 19.12
CA LEU A 332 4.13 0.44 18.94
C LEU A 332 2.74 0.43 18.32
N ALA A 333 1.88 1.39 18.71
CA ALA A 333 0.54 1.47 18.13
C ALA A 333 0.61 1.87 16.66
N LEU A 334 1.50 2.81 16.32
CA LEU A 334 1.67 3.17 14.92
C LEU A 334 2.17 1.98 14.10
N ALA A 335 3.09 1.20 14.66
CA ALA A 335 3.55 -0.01 13.98
C ALA A 335 2.42 -1.02 13.82
N ASP A 336 1.57 -1.16 14.84
CA ASP A 336 0.40 -2.03 14.72
C ASP A 336 -0.55 -1.54 13.63
N MET A 337 -0.66 -0.23 13.44
CA MET A 337 -1.51 0.32 12.39
C MET A 337 -0.98 -0.05 11.01
N TYR A 338 0.35 0.02 10.84
CA TYR A 338 0.95 -0.38 9.56
C TYR A 338 0.77 -1.86 9.31
N MET A 339 0.99 -2.71 10.33
CA MET A 339 0.91 -4.15 10.14
C MET A 339 -0.50 -4.70 10.28
N ARG A 340 -1.45 -3.86 10.70
CA ARG A 340 -2.85 -4.26 10.85
C ARG A 340 -3.00 -5.40 11.86
N ARG A 341 -2.48 -5.16 13.06
CA ARG A 341 -2.63 -6.05 14.20
C ARG A 341 -3.64 -5.41 15.15
N ASP A 342 -4.78 -6.07 15.31
CA ASP A 342 -5.85 -5.47 16.12
C ASP A 342 -5.53 -5.58 17.61
N SER A 343 -6.46 -5.11 18.44
CA SER A 343 -6.24 -5.05 19.88
C SER A 343 -6.21 -6.42 20.54
N HIS A 344 -6.66 -7.47 19.84
CA HIS A 344 -6.59 -8.83 20.36
C HIS A 344 -5.38 -9.59 19.84
N GLY A 345 -4.46 -8.91 19.16
CA GLY A 345 -3.27 -9.55 18.65
C GLY A 345 -3.44 -10.32 17.35
N ARG A 346 -4.54 -10.13 16.64
CA ARG A 346 -4.80 -10.83 15.39
C ARG A 346 -4.48 -9.92 14.22
N TYR A 347 -3.71 -10.45 13.27
CA TYR A 347 -3.36 -9.73 12.06
C TYR A 347 -4.38 -10.02 10.97
N ASN A 348 -4.66 -9.04 10.12
CA ASN A 348 -5.34 -9.37 8.88
C ASN A 348 -4.31 -9.86 7.87
N ASN A 349 -4.80 -10.39 6.74
CA ASN A 349 -3.92 -11.02 5.77
C ASN A 349 -3.24 -10.02 4.83
N SER A 350 -3.30 -8.72 5.14
CA SER A 350 -2.75 -7.73 4.22
C SER A 350 -1.24 -7.89 4.06
N GLY A 351 -0.54 -8.23 5.13
CA GLY A 351 0.90 -8.42 5.03
C GLY A 351 1.27 -9.58 4.12
N ASP A 352 0.67 -10.75 4.35
CA ASP A 352 0.97 -11.91 3.53
C ASP A 352 0.49 -11.73 2.09
N ALA A 353 -0.66 -11.07 1.90
CA ALA A 353 -1.14 -10.82 0.55
C ALA A 353 -0.25 -9.83 -0.18
N ARG A 354 0.27 -8.82 0.53
CA ARG A 354 1.16 -7.85 -0.10
C ARG A 354 2.39 -8.52 -0.70
N VAL A 355 2.97 -9.47 0.04
CA VAL A 355 4.16 -10.15 -0.45
C VAL A 355 3.82 -11.02 -1.67
N ALA A 356 2.78 -11.85 -1.55
CA ALA A 356 2.46 -12.79 -2.61
C ALA A 356 2.09 -12.08 -3.90
N ILE A 357 1.40 -10.95 -3.80
CA ILE A 357 1.02 -10.20 -5.00
C ILE A 357 2.24 -9.50 -5.59
N ASN A 358 3.10 -8.93 -4.74
CA ASN A 358 4.27 -8.23 -5.24
C ASN A 358 5.25 -9.18 -5.91
N CYS A 359 5.35 -10.41 -5.44
CA CYS A 359 6.37 -11.32 -5.95
C CYS A 359 6.03 -11.86 -7.34
N VAL A 360 4.77 -11.75 -7.77
CA VAL A 360 4.39 -12.17 -9.12
C VAL A 360 4.20 -11.00 -10.07
N ASP A 361 4.24 -9.76 -9.59
CA ASP A 361 3.98 -8.60 -10.44
C ASP A 361 5.19 -8.15 -11.24
N GLN A 362 6.40 -8.63 -10.92
CA GLN A 362 7.58 -8.29 -11.70
C GLN A 362 8.69 -9.28 -11.33
N PRO A 363 9.67 -9.47 -12.21
CA PRO A 363 10.81 -10.34 -11.87
C PRO A 363 11.52 -9.84 -10.63
N PRO A 364 11.83 -10.73 -9.71
CA PRO A 364 12.50 -10.31 -8.47
C PRO A 364 13.98 -10.02 -8.70
N VAL A 365 14.54 -9.26 -7.78
CA VAL A 365 15.97 -8.93 -7.80
C VAL A 365 16.72 -10.04 -7.09
N THR A 366 17.49 -10.82 -7.86
CA THR A 366 18.23 -11.94 -7.32
C THR A 366 19.75 -11.71 -7.31
N ASP A 367 20.23 -10.64 -7.93
CA ASP A 367 21.65 -10.37 -7.95
C ASP A 367 22.13 -9.89 -6.59
N ARG A 368 23.14 -10.57 -6.03
CA ARG A 368 23.63 -10.21 -4.70
C ARG A 368 24.33 -8.85 -4.71
N ASP A 369 25.13 -8.58 -5.74
CA ASP A 369 25.82 -7.31 -5.83
C ASP A 369 24.84 -6.14 -5.90
N LYS A 370 23.75 -6.31 -6.65
CA LYS A 370 22.75 -5.25 -6.75
C LYS A 370 22.06 -5.01 -5.40
N VAL A 371 21.77 -6.09 -4.66
CA VAL A 371 21.11 -5.95 -3.37
C VAL A 371 22.05 -5.30 -2.36
N ILE A 372 23.33 -5.68 -2.38
CA ILE A 372 24.29 -5.10 -1.46
C ILE A 372 24.49 -3.62 -1.77
N ASP A 373 24.66 -3.29 -3.06
CA ASP A 373 24.85 -1.90 -3.44
C ASP A 373 23.62 -1.03 -3.16
N GLU A 374 22.42 -1.62 -3.24
CA GLU A 374 21.22 -0.87 -2.89
C GLU A 374 21.20 -0.50 -1.42
N ASP A 375 21.65 -1.41 -0.56
CA ASP A 375 21.71 -1.10 0.88
C ASP A 375 22.75 -0.03 1.16
N ARG A 376 23.88 -0.07 0.45
CA ARG A 376 24.90 0.95 0.62
C ARG A 376 24.35 2.34 0.29
N ARG A 377 23.58 2.45 -0.80
CA ARG A 377 23.02 3.74 -1.18
C ARG A 377 21.82 4.11 -0.31
N ALA A 378 21.02 3.13 0.09
CA ALA A 378 19.87 3.42 0.95
C ALA A 378 20.32 4.01 2.28
N ARG A 379 21.42 3.52 2.84
CA ARG A 379 21.94 4.07 4.09
C ARG A 379 22.29 5.54 3.95
N GLU A 380 22.89 5.92 2.81
CA GLU A 380 23.23 7.31 2.57
C GLU A 380 22.01 8.15 2.22
N ILE A 381 21.03 7.55 1.53
CA ILE A 381 19.87 8.30 1.07
C ILE A 381 18.87 8.53 2.20
N ALA A 382 18.64 7.53 3.03
CA ALA A 382 17.67 7.62 4.14
C ALA A 382 18.36 7.21 5.44
N PRO A 383 19.23 8.07 5.98
CA PRO A 383 19.95 7.70 7.21
C PRO A 383 19.06 7.48 8.42
N PHE A 384 17.82 8.00 8.41
CA PHE A 384 16.99 7.90 9.61
C PHE A 384 16.58 6.46 9.88
N MET A 385 16.44 5.63 8.85
CA MET A 385 16.01 4.25 9.02
C MET A 385 17.12 3.25 8.73
N SER A 386 18.37 3.66 8.94
CA SER A 386 19.52 2.76 8.80
C SER A 386 20.28 2.72 10.12
N TYR A 387 20.57 1.51 10.59
CA TYR A 387 21.27 1.32 11.86
C TYR A 387 22.74 1.00 11.61
N GLY A 388 23.61 1.64 12.38
CA GLY A 388 25.03 1.34 12.30
C GLY A 388 25.65 1.72 10.97
N LYS A 389 26.63 0.93 10.55
CA LYS A 389 27.41 1.21 9.35
C LYS A 389 27.14 0.14 8.28
N PHE A 390 27.52 0.48 7.05
CA PHE A 390 27.47 -0.47 5.95
C PHE A 390 28.39 -1.66 6.24
N THR A 391 27.84 -2.87 6.15
CA THR A 391 28.58 -4.07 6.51
C THR A 391 29.25 -4.76 5.31
N GLY A 392 28.86 -4.42 4.09
CA GLY A 392 29.27 -5.17 2.93
C GLY A 392 28.35 -6.30 2.53
N ASP A 393 27.30 -6.56 3.31
CA ASP A 393 26.35 -7.62 3.02
C ASP A 393 24.94 -7.12 3.29
N ALA A 394 23.97 -7.72 2.60
CA ALA A 394 22.58 -7.36 2.75
C ALA A 394 21.72 -8.55 2.32
N PRO A 395 20.55 -8.72 2.90
CA PRO A 395 19.72 -9.89 2.56
C PRO A 395 18.93 -9.70 1.28
N LEU A 396 18.69 -10.82 0.59
CA LEU A 396 17.80 -10.79 -0.55
C LEU A 396 16.36 -10.66 -0.08
N GLY A 397 15.53 -10.06 -0.93
CA GLY A 397 14.12 -9.92 -0.60
C GLY A 397 13.39 -11.23 -0.66
N THR A 398 12.15 -11.21 -0.16
CA THR A 398 11.34 -12.43 -0.15
C THR A 398 11.09 -12.94 -1.56
N CYS A 399 10.87 -12.04 -2.51
CA CYS A 399 10.52 -12.44 -3.87
C CYS A 399 11.67 -13.17 -4.56
N ALA A 400 12.91 -12.98 -4.12
CA ALA A 400 14.02 -13.72 -4.69
C ALA A 400 13.93 -15.22 -4.43
N PHE A 401 13.11 -15.63 -3.46
CA PHE A 401 12.89 -17.03 -3.15
C PHE A 401 11.51 -17.51 -3.55
N TRP A 402 10.77 -16.73 -4.32
CA TRP A 402 9.39 -17.07 -4.63
C TRP A 402 9.33 -18.28 -5.56
N PRO A 403 8.40 -19.21 -5.33
CA PRO A 403 8.36 -20.46 -6.11
C PRO A 403 7.51 -20.42 -7.37
N VAL A 404 6.84 -19.32 -7.67
CA VAL A 404 6.05 -19.21 -8.90
C VAL A 404 6.56 -18.01 -9.71
N PRO A 405 6.57 -18.09 -11.04
CA PRO A 405 7.20 -17.04 -11.85
C PRO A 405 6.35 -15.78 -11.89
N PRO A 406 6.93 -14.66 -12.28
CA PRO A 406 6.14 -13.43 -12.40
C PRO A 406 5.18 -13.49 -13.58
N THR A 407 4.06 -12.80 -13.43
CA THR A 407 3.05 -12.72 -14.48
C THR A 407 2.97 -11.33 -15.11
N SER A 408 3.87 -10.42 -14.75
CA SER A 408 3.97 -9.11 -15.37
C SER A 408 5.44 -8.73 -15.43
N GLN A 409 5.79 -7.94 -16.44
CA GLN A 409 7.15 -7.45 -16.62
C GLN A 409 7.14 -5.92 -16.68
N PRO A 410 8.18 -5.27 -16.17
CA PRO A 410 8.25 -3.81 -16.25
C PRO A 410 8.21 -3.33 -17.69
N HIS A 411 7.36 -2.33 -17.93
CA HIS A 411 7.16 -1.79 -19.27
C HIS A 411 6.45 -0.45 -19.14
N ALA A 412 6.58 0.38 -20.16
CA ALA A 412 5.83 1.63 -20.21
C ALA A 412 4.38 1.34 -20.57
N VAL A 413 3.45 1.95 -19.83
CA VAL A 413 2.04 1.72 -20.09
C VAL A 413 1.70 2.14 -21.51
N SER A 414 1.06 1.24 -22.25
CA SER A 414 0.68 1.47 -23.64
C SER A 414 -0.82 1.20 -23.78
N ALA A 415 -1.61 2.28 -23.78
CA ALA A 415 -3.05 2.20 -24.03
C ALA A 415 -3.44 3.38 -24.91
N PRO A 416 -3.10 3.32 -26.21
CA PRO A 416 -3.24 4.52 -27.05
C PRO A 416 -4.65 5.09 -27.11
N GLY A 417 -5.67 4.24 -27.21
CA GLY A 417 -7.01 4.79 -27.32
C GLY A 417 -7.71 5.07 -26.02
N LEU A 418 -6.99 5.08 -24.90
CA LEU A 418 -7.61 5.26 -23.59
C LEU A 418 -8.18 6.66 -23.45
N VAL A 419 -9.38 6.74 -22.88
CA VAL A 419 -10.06 7.99 -22.51
C VAL A 419 -9.12 8.82 -21.66
N PRO A 420 -9.21 10.15 -21.67
CA PRO A 420 -8.38 10.94 -20.76
C PRO A 420 -8.60 10.55 -19.31
N THR A 421 -7.50 10.36 -18.59
CA THR A 421 -7.53 10.00 -17.18
C THR A 421 -6.84 11.10 -16.37
N VAL A 422 -6.96 11.00 -15.04
CA VAL A 422 -6.38 11.96 -14.13
C VAL A 422 -5.46 11.22 -13.16
N VAL A 423 -4.20 11.64 -13.08
CA VAL A 423 -3.25 11.14 -12.09
C VAL A 423 -3.04 12.25 -11.08
N VAL A 424 -3.29 11.94 -9.81
CA VAL A 424 -3.08 12.88 -8.71
C VAL A 424 -1.76 12.52 -8.04
N SER A 425 -0.84 13.48 -7.99
CA SER A 425 0.49 13.26 -7.44
C SER A 425 0.79 14.34 -6.41
N THR A 426 1.29 13.93 -5.24
CA THR A 426 1.61 14.86 -4.17
C THR A 426 3.11 15.16 -4.15
N THR A 427 3.45 16.44 -4.00
CA THR A 427 4.81 16.91 -4.25
C THR A 427 5.83 16.19 -3.38
N HIS A 428 5.50 15.93 -2.11
CA HIS A 428 6.43 15.27 -1.20
C HIS A 428 5.82 14.00 -0.64
N ASP A 429 5.17 13.23 -1.50
CA ASP A 429 4.67 11.91 -1.15
C ASP A 429 5.84 10.99 -0.86
N PRO A 430 5.93 10.37 0.32
CA PRO A 430 7.03 9.45 0.60
C PRO A 430 6.85 8.08 -0.04
N ALA A 431 5.62 7.56 -0.04
CA ALA A 431 5.37 6.20 -0.51
C ALA A 431 5.42 6.09 -2.01
N THR A 432 4.79 7.04 -2.72
CA THR A 432 4.84 7.10 -4.18
C THR A 432 5.24 8.52 -4.56
N PRO A 433 6.54 8.76 -4.77
CA PRO A 433 7.02 10.14 -4.98
C PRO A 433 6.33 10.85 -6.13
N TYR A 434 6.47 12.17 -6.13
CA TYR A 434 5.76 13.03 -7.08
C TYR A 434 6.14 12.68 -8.52
N LYS A 435 7.42 12.44 -8.78
CA LYS A 435 7.86 12.15 -10.14
C LYS A 435 7.20 10.90 -10.69
N ALA A 436 6.93 9.91 -9.84
CA ALA A 436 6.25 8.70 -10.29
C ALA A 436 4.89 9.01 -10.89
N GLY A 437 4.19 10.00 -10.34
CA GLY A 437 2.90 10.40 -10.90
C GLY A 437 3.04 11.14 -12.21
N VAL A 438 4.10 11.96 -12.34
CA VAL A 438 4.36 12.65 -13.60
C VAL A 438 4.68 11.64 -14.70
N ASP A 439 5.44 10.59 -14.35
CA ASP A 439 5.79 9.60 -15.36
C ASP A 439 4.59 8.76 -15.77
N LEU A 440 3.74 8.37 -14.81
CA LEU A 440 2.56 7.59 -15.16
C LEU A 440 1.60 8.41 -16.01
N ALA A 441 1.38 9.68 -15.68
CA ALA A 441 0.51 10.51 -16.48
C ALA A 441 1.05 10.69 -17.90
N ASN A 442 2.38 10.70 -18.06
CA ASN A 442 2.95 10.78 -19.40
C ASN A 442 2.68 9.50 -20.19
N GLN A 443 2.84 8.34 -19.54
CA GLN A 443 2.58 7.08 -20.22
C GLN A 443 1.10 6.92 -20.57
N LEU A 444 0.21 7.30 -19.66
CA LEU A 444 -1.21 7.27 -19.94
C LEU A 444 -1.65 8.42 -20.84
N ARG A 445 -0.80 9.43 -21.04
N ARG A 445 -0.80 9.42 -21.03
CA ARG A 445 -1.13 10.61 -21.83
CA ARG A 445 -1.13 10.60 -21.82
C ARG A 445 -2.37 11.30 -21.29
C ARG A 445 -2.39 11.28 -21.29
N GLY A 446 -2.56 11.27 -19.97
CA GLY A 446 -3.66 11.91 -19.32
C GLY A 446 -3.25 13.17 -18.59
N SER A 447 -4.14 13.64 -17.71
CA SER A 447 -3.93 14.89 -16.98
C SER A 447 -3.25 14.62 -15.65
N LEU A 448 -2.38 15.53 -15.25
CA LEU A 448 -1.68 15.45 -13.97
C LEU A 448 -2.22 16.54 -13.05
N LEU A 449 -2.78 16.12 -11.92
CA LEU A 449 -3.26 17.03 -10.89
C LEU A 449 -2.27 16.99 -9.73
N THR A 450 -1.68 18.14 -9.41
CA THR A 450 -0.64 18.25 -8.41
C THR A 450 -1.24 18.72 -7.09
N PHE A 451 -0.88 18.04 -6.00
CA PHE A 451 -1.21 18.48 -4.65
C PHE A 451 0.08 18.78 -3.91
N ASP A 452 0.16 19.94 -3.28
CA ASP A 452 1.34 20.37 -2.54
C ASP A 452 1.20 19.92 -1.09
N GLY A 453 2.05 18.99 -0.67
CA GLY A 453 2.00 18.50 0.69
C GLY A 453 3.00 17.38 0.89
N THR A 454 3.05 16.89 2.13
CA THR A 454 3.90 15.78 2.53
C THR A 454 2.99 14.67 3.05
N GLN A 455 2.35 13.98 2.12
CA GLN A 455 1.41 12.92 2.48
C GLN A 455 1.26 11.98 1.29
N HIS A 456 0.68 10.81 1.55
CA HIS A 456 0.43 9.80 0.53
C HIS A 456 -1.07 9.73 0.28
N THR A 457 -1.46 10.01 -0.98
CA THR A 457 -2.84 10.10 -1.44
C THR A 457 -3.56 11.30 -0.81
N VAL A 458 -4.62 11.78 -1.45
CA VAL A 458 -5.28 13.01 -0.99
C VAL A 458 -6.73 13.04 -1.45
N VAL A 459 -7.08 12.23 -2.46
CA VAL A 459 -8.42 12.28 -3.03
C VAL A 459 -9.45 11.84 -2.00
N PHE A 460 -10.52 12.63 -1.88
CA PHE A 460 -11.63 12.35 -0.96
C PHE A 460 -11.15 12.31 0.49
N GLN A 461 -10.28 13.25 0.86
CA GLN A 461 -9.72 13.29 2.20
C GLN A 461 -9.70 14.72 2.72
N GLY A 462 -10.74 15.49 2.42
CA GLY A 462 -10.96 16.78 3.05
C GLY A 462 -10.54 17.99 2.25
N ASP A 463 -9.83 17.81 1.13
CA ASP A 463 -9.36 18.94 0.34
C ASP A 463 -10.40 19.26 -0.74
N SER A 464 -11.01 20.44 -0.64
CA SER A 464 -12.07 20.79 -1.59
C SER A 464 -11.52 21.08 -2.98
N CYS A 465 -10.29 21.61 -3.08
CA CYS A 465 -9.69 21.85 -4.38
C CYS A 465 -9.55 20.55 -5.17
N ILE A 466 -8.95 19.53 -4.56
CA ILE A 466 -8.79 18.23 -5.22
C ILE A 466 -10.15 17.62 -5.51
N ASP A 467 -11.04 17.62 -4.51
CA ASP A 467 -12.31 16.91 -4.63
C ASP A 467 -13.20 17.52 -5.71
N GLU A 468 -13.21 18.86 -5.82
CA GLU A 468 -14.00 19.48 -6.87
C GLU A 468 -13.46 19.18 -8.25
N TYR A 469 -12.14 18.96 -8.36
CA TYR A 469 -11.56 18.58 -9.64
C TYR A 469 -12.00 17.18 -10.05
N VAL A 470 -11.88 16.21 -9.15
CA VAL A 470 -12.24 14.84 -9.50
C VAL A 470 -13.76 14.66 -9.56
N THR A 471 -14.53 15.49 -8.86
CA THR A 471 -15.98 15.44 -9.00
C THR A 471 -16.41 15.86 -10.39
N ALA A 472 -15.84 16.95 -10.91
CA ALA A 472 -16.18 17.39 -12.26
C ALA A 472 -15.69 16.40 -13.31
N TYR A 473 -14.58 15.71 -13.04
CA TYR A 473 -14.10 14.70 -13.97
C TYR A 473 -14.98 13.45 -13.94
N LEU A 474 -15.37 13.00 -12.74
CA LEU A 474 -16.18 11.79 -12.62
C LEU A 474 -17.55 11.98 -13.26
N ILE A 475 -18.13 13.16 -13.14
CA ILE A 475 -19.49 13.39 -13.59
C ILE A 475 -19.54 13.90 -15.02
N GLY A 476 -18.74 14.93 -15.33
CA GLY A 476 -18.82 15.57 -16.63
C GLY A 476 -17.66 15.25 -17.55
N GLY A 477 -16.68 14.52 -17.06
CA GLY A 477 -15.50 14.20 -17.86
C GLY A 477 -14.54 15.34 -18.06
N THR A 478 -14.66 16.42 -17.27
CA THR A 478 -13.77 17.56 -17.43
C THR A 478 -12.44 17.28 -16.73
N THR A 479 -11.35 17.31 -17.49
CA THR A 479 -10.06 17.11 -16.85
C THR A 479 -9.51 18.44 -16.33
N PRO A 480 -8.71 18.41 -15.27
CA PRO A 480 -8.10 19.65 -14.79
C PRO A 480 -7.16 20.21 -15.85
N PRO A 481 -7.00 21.53 -15.88
CA PRO A 481 -6.10 22.12 -16.88
C PRO A 481 -4.65 21.74 -16.62
N SER A 482 -3.83 21.92 -17.66
CA SER A 482 -2.41 21.63 -17.54
C SER A 482 -1.79 22.49 -16.44
N GLY A 483 -1.05 21.84 -15.54
CA GLY A 483 -0.42 22.56 -14.44
C GLY A 483 -1.33 22.84 -13.27
N ALA A 484 -2.49 22.20 -13.19
CA ALA A 484 -3.40 22.42 -12.07
C ALA A 484 -2.74 22.05 -10.75
N LYS A 485 -2.87 22.92 -9.76
CA LYS A 485 -2.23 22.76 -8.46
C LYS A 485 -3.25 22.99 -7.34
N CYS A 486 -3.20 22.17 -6.31
CA CYS A 486 -4.09 22.31 -5.16
C CYS A 486 -3.31 22.36 -3.84
C31 A1BK3 B . 9.58 2.02 3.52
C32 A1BK3 B . 10.67 1.86 4.37
C33 A1BK3 B . 10.63 0.99 5.44
C34 A1BK3 B . 9.46 0.26 5.67
C35 A1BK3 B . 8.36 0.43 4.83
C30 A1BK3 B . 8.39 1.31 3.74
C29 A1BK3 B . 7.20 1.45 2.85
C28 A1BK3 B . 6.93 0.11 2.16
C02 A1BK3 B . 5.53 0.02 1.35
O01 A1BK3 B . 5.52 0.32 0.18
N36 A1BK3 B . 8.10 -0.15 1.26
C37 A1BK3 B . 8.46 -1.36 0.60
O38 A1BK3 B . 7.62 -2.46 0.57
O46 A1BK3 B . 9.55 -1.42 0.05
N03 A1BK3 B . 4.32 -0.41 1.96
C04 A1BK3 B . 3.00 -0.53 1.25
C10 A1BK3 B . 2.65 0.75 0.39
O27 A1BK3 B . 2.99 1.85 0.81
C05 A1BK3 B . 1.77 -0.82 2.24
C06 A1BK3 B . 1.62 -0.02 3.55
C07 A1BK3 B . 1.10 -0.82 4.79
C08 A1BK3 B . -0.43 -0.77 5.03
N09 A1BK3 B . -0.92 -1.93 5.78
C13 A1BK3 B . 2.15 1.58 -3.19
C15 A1BK3 B . 3.79 0.15 -4.57
C17 A1BK3 B . 5.76 1.44 -4.26
C20 A1BK3 B . 0.09 2.08 -1.69
C12 A1BK3 B . 1.68 1.78 -1.72
C14 A1BK3 B . 3.53 0.92 -3.27
C18 A1BK3 B . 4.75 1.87 -3.18
C23 A1BK3 B . -0.44 2.25 -0.23
C25 A1BK3 B . -2.09 1.57 1.37
N11 A1BK3 B . 2.00 0.66 -0.85
N16 A1BK3 B . 5.04 0.47 -5.08
O19 A1BK3 B . 3.05 -0.66 -5.12
O21 A1BK3 B . -0.59 0.99 -2.24
O24 A1BK3 B . -1.26 1.27 0.25
O26 A1BK3 B . -0.18 3.20 0.48
C1 GOL C . -21.84 3.99 -16.85
O1 GOL C . -20.57 3.81 -16.31
C2 GOL C . -22.09 2.80 -17.81
O2 GOL C . -21.35 2.94 -19.00
C3 GOL C . -23.61 2.77 -18.06
O3 GOL C . -23.97 1.43 -18.26
#